data_1U1W
#
_entry.id   1U1W
#
_cell.length_a   92.600
_cell.length_b   99.860
_cell.length_c   57.000
_cell.angle_alpha   90.00
_cell.angle_beta   90.00
_cell.angle_gamma   90.00
#
_symmetry.space_group_name_H-M   'P 21 21 2'
#
loop_
_entity.id
_entity.type
_entity.pdbx_description
1 polymer 'Phenazine biosynthesis protein phzF'
2 non-polymer 'ACETATE ION'
3 non-polymer '3-HYDROXYANTHRANILIC ACID'
4 non-polymer GLYCEROL
5 water water
#
_entity_poly.entity_id   1
_entity_poly.type   'polypeptide(L)'
_entity_poly.pdbx_seq_one_letter_code
;MGSSHHHHHHSSGLVPRGSHMHNYVIIDAFASVPLEGNPVAVFFDADDLPPAQMQRIAREMNLSESTFVLKPRNGGDALI
RIFTPVNELPFAGHPLLGTAIALGAHTDNHRLYLETQMGTIAFELERQNGSVIAASMDQPIPTWTALGRDAELLKALGIS
DSTFPIEIYHNGPRHVFVGLPSIDALSALHPDHRALSNFHDMAINCFAGAGRRWRSRMFSPAYGVVEDAATGSAAGPLAI
HLARHGQIEFGQPVEILQGVEIGRPSLMFAKAEGRAEQLTRVEVSGNGVTFGRGTIVL
;
_entity_poly.pdbx_strand_id   A,B
#
# COMPACT_ATOMS: atom_id res chain seq x y z
N MET A 21 11.20 -12.98 16.65
CA MET A 21 11.45 -12.00 15.55
C MET A 21 11.47 -12.83 14.30
N HIS A 22 11.06 -12.30 13.19
CA HIS A 22 11.07 -12.97 11.88
C HIS A 22 11.81 -12.18 10.84
N ASN A 23 12.73 -12.88 10.14
CA ASN A 23 13.31 -12.34 8.97
C ASN A 23 12.33 -12.31 7.77
N TYR A 24 12.52 -11.34 6.91
CA TYR A 24 11.78 -11.25 5.68
C TYR A 24 12.69 -10.75 4.61
N VAL A 25 12.35 -11.08 3.36
N VAL A 25 12.29 -11.04 3.37
CA VAL A 25 12.91 -10.38 2.19
CA VAL A 25 12.95 -10.55 2.14
C VAL A 25 11.81 -9.77 1.43
C VAL A 25 11.89 -9.90 1.29
N ILE A 26 12.13 -8.74 0.69
CA ILE A 26 11.24 -8.08 -0.26
C ILE A 26 11.73 -8.42 -1.65
N ILE A 27 10.91 -9.17 -2.40
CA ILE A 27 11.23 -9.57 -3.76
C ILE A 27 10.36 -8.74 -4.74
N ASP A 28 10.98 -8.18 -5.77
CA ASP A 28 10.23 -7.58 -6.87
C ASP A 28 10.00 -8.68 -7.89
N ALA A 29 8.78 -9.20 -7.94
CA ALA A 29 8.40 -10.27 -8.81
C ALA A 29 8.03 -9.76 -10.19
N PHE A 30 8.42 -10.55 -11.19
CA PHE A 30 8.17 -10.21 -12.60
C PHE A 30 8.98 -8.97 -13.03
N ALA A 31 10.22 -8.93 -12.54
CA ALA A 31 11.17 -7.85 -12.86
C ALA A 31 12.60 -8.33 -12.84
N SER A 32 13.41 -7.64 -13.59
N SER A 32 13.46 -7.61 -13.48
CA SER A 32 14.84 -7.88 -13.75
CA SER A 32 14.88 -7.94 -13.43
C SER A 32 15.73 -6.78 -13.16
C SER A 32 15.70 -6.86 -12.75
N VAL A 33 15.08 -5.83 -12.51
N VAL A 33 15.04 -5.77 -12.40
CA VAL A 33 15.80 -4.81 -11.70
CA VAL A 33 15.76 -4.70 -11.75
C VAL A 33 14.89 -4.33 -10.58
C VAL A 33 14.89 -4.26 -10.60
N PRO A 34 15.45 -3.90 -9.46
CA PRO A 34 14.63 -3.40 -8.37
C PRO A 34 13.84 -2.17 -8.75
N LEU A 35 12.70 -2.02 -8.12
CA LEU A 35 11.75 -0.92 -8.32
C LEU A 35 10.84 -1.11 -9.52
N GLU A 36 11.04 -2.16 -10.30
CA GLU A 36 10.07 -2.62 -11.31
C GLU A 36 9.37 -3.87 -10.74
N GLY A 37 8.42 -4.40 -11.50
CA GLY A 37 7.67 -5.55 -11.03
C GLY A 37 6.80 -5.22 -9.81
N ASN A 38 6.41 -6.25 -9.07
CA ASN A 38 5.41 -6.17 -8.05
C ASN A 38 6.04 -6.70 -6.73
N PRO A 39 6.17 -5.87 -5.70
CA PRO A 39 6.81 -6.34 -4.47
C PRO A 39 5.99 -7.37 -3.72
N VAL A 40 6.69 -8.30 -3.11
CA VAL A 40 6.09 -9.21 -2.11
C VAL A 40 7.06 -9.33 -0.97
N ALA A 41 6.52 -9.25 0.26
CA ALA A 41 7.26 -9.46 1.51
C ALA A 41 7.12 -10.96 1.89
N VAL A 42 8.23 -11.66 1.95
CA VAL A 42 8.26 -13.07 2.24
C VAL A 42 8.85 -13.30 3.65
N PHE A 43 8.03 -13.80 4.57
CA PHE A 43 8.42 -14.00 5.96
C PHE A 43 8.80 -15.44 6.25
N PHE A 44 9.99 -15.65 6.81
CA PHE A 44 10.52 -16.94 7.02
C PHE A 44 10.20 -17.45 8.45
N ASP A 45 10.24 -18.76 8.62
CA ASP A 45 10.15 -19.40 9.97
C ASP A 45 8.87 -18.96 10.66
N ALA A 46 7.76 -19.03 9.95
CA ALA A 46 6.50 -18.39 10.37
C ALA A 46 5.53 -19.36 11.09
N ASP A 47 5.99 -20.51 11.48
CA ASP A 47 5.13 -21.50 12.12
C ASP A 47 4.57 -21.15 13.47
N ASP A 48 5.14 -20.17 14.10
CA ASP A 48 4.70 -19.64 15.40
C ASP A 48 3.61 -18.60 15.26
N LEU A 49 3.35 -18.08 14.07
CA LEU A 49 2.42 -17.03 13.94
C LEU A 49 0.99 -17.53 13.71
N PRO A 50 -0.01 -17.11 14.48
CA PRO A 50 -1.37 -17.45 14.14
C PRO A 50 -1.83 -16.74 12.88
N PRO A 51 -2.82 -17.30 12.15
CA PRO A 51 -3.26 -16.65 10.92
C PRO A 51 -3.77 -15.25 11.12
N ALA A 52 -4.40 -14.96 12.27
CA ALA A 52 -4.86 -13.61 12.46
C ALA A 52 -3.73 -12.64 12.55
N GLN A 53 -2.59 -13.06 13.09
CA GLN A 53 -1.41 -12.21 13.10
C GLN A 53 -0.75 -12.09 11.74
N MET A 54 -0.74 -13.15 10.97
CA MET A 54 -0.27 -13.08 9.56
C MET A 54 -1.06 -12.04 8.78
N GLN A 55 -2.39 -12.05 9.00
CA GLN A 55 -3.24 -11.06 8.32
C GLN A 55 -2.88 -9.64 8.71
N ARG A 56 -2.67 -9.43 10.02
CA ARG A 56 -2.30 -8.08 10.51
C ARG A 56 -0.90 -7.64 9.97
N ILE A 57 0.02 -8.59 9.90
CA ILE A 57 1.33 -8.30 9.33
C ILE A 57 1.18 -7.88 7.81
N ALA A 58 0.34 -8.61 7.10
CA ALA A 58 0.11 -8.24 5.71
C ALA A 58 -0.43 -6.81 5.58
N ARG A 59 -1.38 -6.48 6.49
N ARG A 59 -1.38 -6.43 6.46
CA ARG A 59 -2.00 -5.15 6.60
CA ARG A 59 -1.86 -5.07 6.39
C ARG A 59 -0.90 -4.06 6.90
C ARG A 59 -0.72 -4.08 6.75
N GLU A 60 0.07 -4.41 7.74
CA GLU A 60 1.19 -3.55 8.09
C GLU A 60 2.08 -3.29 6.88
N MET A 61 2.39 -4.34 6.14
CA MET A 61 3.27 -4.19 5.00
C MET A 61 2.63 -3.41 3.83
N ASN A 62 1.32 -3.59 3.66
CA ASN A 62 0.52 -2.86 2.69
C ASN A 62 0.92 -3.12 1.24
N LEU A 63 1.63 -4.21 0.99
CA LEU A 63 1.92 -4.66 -0.32
C LEU A 63 0.73 -5.43 -0.88
N SER A 64 0.68 -5.71 -2.17
CA SER A 64 -0.50 -6.47 -2.69
C SER A 64 -0.61 -7.82 -1.96
N GLU A 65 0.52 -8.41 -1.64
CA GLU A 65 0.55 -9.59 -0.78
C GLU A 65 1.82 -9.66 0.07
N SER A 66 1.68 -10.33 1.23
CA SER A 66 2.78 -10.84 1.99
C SER A 66 2.60 -12.36 2.10
N THR A 67 3.70 -13.11 2.16
CA THR A 67 3.61 -14.54 2.33
C THR A 67 4.36 -14.98 3.58
N PHE A 68 4.01 -16.20 4.03
CA PHE A 68 4.54 -16.79 5.25
C PHE A 68 4.96 -18.21 4.99
N VAL A 69 6.23 -18.49 5.27
CA VAL A 69 6.81 -19.78 4.93
C VAL A 69 6.72 -20.72 6.15
N LEU A 70 6.02 -21.81 5.95
CA LEU A 70 5.75 -22.78 7.02
C LEU A 70 6.30 -24.17 6.64
N LYS A 71 6.49 -24.99 7.64
CA LYS A 71 6.90 -26.36 7.40
C LYS A 71 5.85 -27.03 6.56
N PRO A 72 6.26 -27.92 5.64
CA PRO A 72 5.31 -28.61 4.81
C PRO A 72 4.48 -29.70 5.55
N ARG A 73 3.29 -29.93 5.04
CA ARG A 73 2.35 -30.89 5.64
C ARG A 73 1.96 -31.97 4.68
N ASN A 74 2.34 -31.93 3.45
CA ASN A 74 1.88 -32.83 2.44
C ASN A 74 2.99 -33.16 1.38
N GLY A 75 4.21 -33.21 1.83
CA GLY A 75 5.31 -33.61 0.96
C GLY A 75 5.99 -32.56 0.14
N GLY A 76 5.53 -31.31 0.20
CA GLY A 76 6.29 -30.25 -0.49
C GLY A 76 7.51 -29.86 0.25
N ASP A 77 8.17 -28.82 -0.24
CA ASP A 77 9.33 -28.29 0.44
C ASP A 77 8.93 -27.29 1.55
N ALA A 78 7.78 -26.65 1.36
CA ALA A 78 7.25 -25.68 2.31
C ALA A 78 5.79 -25.50 2.04
N LEU A 79 5.09 -25.03 3.05
CA LEU A 79 3.69 -24.60 2.93
C LEU A 79 3.67 -23.08 3.00
N ILE A 80 3.02 -22.44 2.03
CA ILE A 80 3.05 -21.01 1.96
C ILE A 80 1.60 -20.50 2.17
N ARG A 81 1.43 -19.60 3.15
CA ARG A 81 0.16 -18.88 3.29
C ARG A 81 0.33 -17.48 2.75
N ILE A 82 -0.71 -17.03 2.07
CA ILE A 82 -0.68 -15.81 1.21
C ILE A 82 -1.80 -14.86 1.65
N PHE A 83 -1.44 -13.59 1.99
CA PHE A 83 -2.38 -12.65 2.48
C PHE A 83 -2.26 -11.32 1.73
N THR A 84 -3.39 -10.82 1.25
CA THR A 84 -3.50 -9.42 0.84
C THR A 84 -3.57 -8.57 2.09
N PRO A 85 -3.67 -7.25 1.94
CA PRO A 85 -3.88 -6.42 3.16
C PRO A 85 -5.17 -6.70 3.87
N VAL A 86 -6.15 -7.33 3.17
CA VAL A 86 -7.49 -7.51 3.71
C VAL A 86 -8.00 -8.94 3.83
N ASN A 87 -7.38 -9.89 3.17
CA ASN A 87 -7.92 -11.26 3.12
C ASN A 87 -6.80 -12.28 2.82
N GLU A 88 -7.04 -13.53 3.14
CA GLU A 88 -6.22 -14.63 2.72
C GLU A 88 -6.60 -15.10 1.35
N LEU A 89 -5.63 -15.47 0.50
CA LEU A 89 -5.92 -16.11 -0.77
C LEU A 89 -5.40 -17.53 -0.80
N PRO A 90 -6.09 -18.41 -1.52
CA PRO A 90 -5.63 -19.81 -1.57
C PRO A 90 -4.50 -20.11 -2.55
N PHE A 91 -4.27 -19.17 -3.43
CA PHE A 91 -3.25 -19.24 -4.48
C PHE A 91 -3.07 -17.84 -4.99
N ALA A 92 -1.86 -17.48 -5.40
CA ALA A 92 -1.60 -16.21 -6.07
C ALA A 92 -0.26 -16.34 -6.77
N GLY A 93 -0.12 -15.70 -7.92
CA GLY A 93 1.00 -15.93 -8.76
C GLY A 93 2.25 -15.09 -8.41
N HIS A 94 2.16 -13.75 -8.36
CA HIS A 94 3.33 -12.98 -8.00
C HIS A 94 3.84 -13.35 -6.60
N PRO A 95 2.99 -13.55 -5.61
CA PRO A 95 3.52 -13.86 -4.28
C PRO A 95 4.26 -15.17 -4.27
N LEU A 96 3.75 -16.17 -4.99
N LEU A 96 3.75 -16.17 -4.97
CA LEU A 96 4.44 -17.46 -5.00
CA LEU A 96 4.39 -17.47 -4.99
C LEU A 96 5.71 -17.42 -5.80
C LEU A 96 5.66 -17.46 -5.82
N LEU A 97 5.71 -16.73 -6.93
N LEU A 97 5.69 -16.69 -6.89
CA LEU A 97 6.95 -16.51 -7.72
CA LEU A 97 6.91 -16.50 -7.71
C LEU A 97 8.00 -15.89 -6.81
C LEU A 97 7.98 -15.90 -6.81
N GLY A 98 7.66 -14.82 -6.08
CA GLY A 98 8.66 -14.22 -5.24
C GLY A 98 9.10 -15.11 -4.10
N THR A 99 8.18 -15.86 -3.55
CA THR A 99 8.51 -16.80 -2.48
C THR A 99 9.46 -17.87 -3.00
N ALA A 100 9.18 -18.40 -4.18
CA ALA A 100 10.08 -19.41 -4.75
C ALA A 100 11.49 -18.91 -5.01
N ILE A 101 11.59 -17.69 -5.51
CA ILE A 101 12.87 -17.06 -5.73
C ILE A 101 13.60 -16.84 -4.40
N ALA A 102 12.89 -16.36 -3.38
CA ALA A 102 13.52 -16.12 -2.11
C ALA A 102 13.98 -17.46 -1.44
N LEU A 103 13.11 -18.44 -1.49
N LEU A 103 13.11 -18.45 -1.43
CA LEU A 103 13.46 -19.81 -0.89
CA LEU A 103 13.46 -19.76 -0.77
C LEU A 103 14.49 -20.43 -1.66
C LEU A 103 14.38 -20.58 -1.71
N GLY A 104 14.66 -20.19 -2.92
CA GLY A 104 15.68 -20.82 -3.74
C GLY A 104 17.01 -20.49 -3.19
N ALA A 105 17.19 -19.42 -2.48
CA ALA A 105 18.48 -19.11 -1.88
C ALA A 105 18.87 -20.03 -0.82
N HIS A 106 17.97 -20.77 -0.27
CA HIS A 106 18.23 -21.61 0.90
C HIS A 106 19.02 -22.86 0.53
N THR A 107 18.71 -23.35 -0.68
CA THR A 107 19.29 -24.61 -1.11
C THR A 107 19.77 -24.59 -2.54
N ASP A 108 20.25 -25.73 -3.04
N ASP A 108 20.19 -25.77 -3.02
CA ASP A 108 20.73 -25.83 -4.40
CA ASP A 108 20.74 -25.94 -4.33
C ASP A 108 19.68 -26.44 -5.32
C ASP A 108 19.69 -26.51 -5.28
N ASN A 109 18.42 -26.62 -4.89
CA ASN A 109 17.47 -27.31 -5.74
C ASN A 109 17.10 -26.48 -6.96
N HIS A 110 16.89 -27.09 -8.10
CA HIS A 110 16.27 -26.35 -9.15
C HIS A 110 14.78 -26.67 -9.35
N ARG A 111 14.31 -27.68 -8.71
CA ARG A 111 12.83 -27.94 -8.69
C ARG A 111 12.43 -27.75 -7.24
N LEU A 112 11.34 -27.02 -7.04
N LEU A 112 11.48 -26.85 -6.96
CA LEU A 112 10.85 -26.65 -5.77
CA LEU A 112 10.83 -26.72 -5.67
C LEU A 112 9.30 -26.87 -5.77
C LEU A 112 9.34 -27.06 -5.82
N TYR A 113 8.76 -27.45 -4.69
CA TYR A 113 7.31 -27.78 -4.63
C TYR A 113 6.74 -27.02 -3.43
N LEU A 114 5.83 -26.10 -3.71
CA LEU A 114 5.31 -25.22 -2.65
C LEU A 114 3.84 -25.56 -2.43
N GLU A 115 3.51 -25.96 -1.21
CA GLU A 115 2.13 -26.24 -0.83
C GLU A 115 1.35 -24.94 -0.67
N THR A 116 0.09 -24.98 -1.08
CA THR A 116 -0.85 -23.90 -0.90
C THR A 116 -2.23 -24.54 -0.59
N GLN A 117 -3.21 -23.70 -0.33
N GLN A 117 -3.20 -23.71 -0.29
CA GLN A 117 -4.58 -24.19 -0.14
CA GLN A 117 -4.56 -24.21 -0.13
C GLN A 117 -5.17 -24.75 -1.41
C GLN A 117 -5.08 -24.86 -1.41
N MET A 118 -4.64 -24.40 -2.57
CA MET A 118 -5.05 -25.02 -3.83
C MET A 118 -4.24 -26.26 -4.21
N GLY A 119 -3.38 -26.70 -3.35
CA GLY A 119 -2.53 -27.89 -3.58
C GLY A 119 -1.07 -27.51 -3.81
N THR A 120 -0.29 -28.50 -4.21
CA THR A 120 1.15 -28.30 -4.30
C THR A 120 1.46 -27.75 -5.68
N ILE A 121 2.21 -26.64 -5.72
CA ILE A 121 2.58 -25.99 -6.95
C ILE A 121 4.03 -26.29 -7.28
N ALA A 122 4.28 -26.83 -8.46
CA ALA A 122 5.62 -27.15 -8.92
C ALA A 122 6.30 -25.95 -9.53
N PHE A 123 7.54 -25.67 -9.16
CA PHE A 123 8.36 -24.64 -9.70
C PHE A 123 9.65 -25.19 -10.26
N GLU A 124 10.11 -24.59 -11.33
CA GLU A 124 11.45 -24.75 -11.86
C GLU A 124 12.17 -23.43 -11.69
N LEU A 125 13.34 -23.46 -11.06
CA LEU A 125 14.13 -22.27 -10.78
C LEU A 125 15.22 -22.15 -11.86
N GLU A 126 15.42 -20.94 -12.35
CA GLU A 126 16.51 -20.61 -13.27
C GLU A 126 17.64 -20.11 -12.36
N ARG A 127 18.77 -20.82 -12.32
CA ARG A 127 19.89 -20.46 -11.46
C ARG A 127 21.13 -20.21 -12.31
N GLN A 128 21.98 -19.30 -11.85
CA GLN A 128 23.28 -19.12 -12.47
C GLN A 128 24.29 -19.15 -11.42
N ASN A 129 25.20 -20.10 -11.52
CA ASN A 129 26.26 -20.26 -10.51
C ASN A 129 25.59 -20.44 -9.12
N GLY A 130 24.42 -21.15 -9.09
CA GLY A 130 23.61 -21.37 -7.92
C GLY A 130 22.66 -20.23 -7.50
N SER A 131 22.78 -19.06 -8.13
N SER A 131 22.82 -19.01 -8.09
CA SER A 131 22.07 -17.87 -7.73
CA SER A 131 22.02 -17.81 -7.72
C SER A 131 20.73 -17.81 -8.54
C SER A 131 20.73 -17.81 -8.54
N VAL A 132 19.61 -17.66 -7.89
CA VAL A 132 18.33 -17.75 -8.58
C VAL A 132 17.96 -16.42 -9.29
N ILE A 133 17.60 -16.47 -10.56
CA ILE A 133 17.29 -15.38 -11.42
C ILE A 133 15.79 -15.28 -11.76
N ALA A 134 15.15 -16.45 -11.83
CA ALA A 134 13.78 -16.53 -12.32
C ALA A 134 13.18 -17.84 -11.95
N ALA A 135 11.83 -17.93 -12.12
CA ALA A 135 11.16 -19.17 -11.85
C ALA A 135 9.92 -19.34 -12.74
N SER A 136 9.51 -20.57 -12.91
CA SER A 136 8.35 -20.97 -13.69
C SER A 136 7.50 -21.89 -12.83
N MET A 137 6.19 -21.68 -12.84
CA MET A 137 5.27 -22.47 -12.05
C MET A 137 4.22 -23.11 -12.98
N ASP A 138 3.71 -24.24 -12.55
CA ASP A 138 2.53 -24.88 -13.12
C ASP A 138 1.32 -24.54 -12.25
N GLN A 139 0.48 -23.66 -12.75
CA GLN A 139 -0.68 -23.18 -11.97
C GLN A 139 -1.81 -24.17 -11.93
N PRO A 140 -2.77 -24.03 -10.98
CA PRO A 140 -4.01 -24.80 -11.09
C PRO A 140 -4.68 -24.47 -12.41
N ILE A 141 -5.31 -25.46 -13.00
CA ILE A 141 -6.09 -25.28 -14.23
C ILE A 141 -7.38 -24.63 -13.80
N PRO A 142 -7.69 -23.43 -14.32
CA PRO A 142 -8.89 -22.77 -13.86
C PRO A 142 -10.14 -23.33 -14.51
N THR A 143 -11.25 -23.06 -13.84
CA THR A 143 -12.55 -23.20 -14.44
C THR A 143 -13.06 -21.79 -14.77
N TRP A 144 -14.11 -21.66 -15.58
CA TRP A 144 -14.63 -20.38 -15.99
C TRP A 144 -16.12 -20.44 -16.37
N THR A 145 -16.72 -19.25 -16.33
N THR A 145 -16.79 -19.29 -16.16
CA THR A 145 -18.11 -19.01 -16.75
CA THR A 145 -18.17 -19.03 -16.59
C THR A 145 -18.29 -17.58 -17.18
C THR A 145 -18.29 -17.61 -17.15
N ALA A 146 -19.42 -17.29 -17.77
CA ALA A 146 -19.76 -15.92 -18.04
C ALA A 146 -19.99 -15.18 -16.73
N LEU A 147 -19.53 -13.95 -16.65
CA LEU A 147 -19.83 -13.10 -15.49
C LEU A 147 -21.30 -12.88 -15.29
N GLY A 148 -21.93 -12.45 -16.34
CA GLY A 148 -23.37 -12.13 -16.29
C GLY A 148 -23.69 -10.82 -15.65
N ARG A 149 -22.77 -9.92 -15.47
CA ARG A 149 -22.95 -8.61 -14.86
C ARG A 149 -22.27 -7.58 -15.75
N ASP A 150 -22.46 -7.73 -17.04
CA ASP A 150 -21.72 -6.88 -17.99
C ASP A 150 -22.01 -5.42 -17.89
N ALA A 151 -23.33 -5.04 -17.98
CA ALA A 151 -23.61 -3.64 -17.87
C ALA A 151 -23.04 -2.97 -16.62
N GLU A 152 -23.18 -3.66 -15.50
CA GLU A 152 -22.74 -3.12 -14.25
C GLU A 152 -21.18 -2.95 -14.26
N LEU A 153 -20.45 -3.96 -14.74
CA LEU A 153 -19.01 -3.87 -14.75
C LEU A 153 -18.51 -2.86 -15.74
N LEU A 154 -19.10 -2.82 -16.94
CA LEU A 154 -18.64 -1.84 -17.89
C LEU A 154 -18.89 -0.44 -17.43
N LYS A 155 -20.06 -0.21 -16.78
CA LYS A 155 -20.33 1.10 -16.21
C LYS A 155 -19.29 1.51 -15.19
N ALA A 156 -18.89 0.59 -14.32
CA ALA A 156 -17.91 0.84 -13.29
C ALA A 156 -16.52 1.16 -13.92
N LEU A 157 -16.21 0.49 -15.02
CA LEU A 157 -14.96 0.75 -15.69
C LEU A 157 -14.94 2.00 -16.56
N GLY A 158 -16.12 2.53 -16.87
CA GLY A 158 -16.22 3.72 -17.65
C GLY A 158 -16.19 3.48 -19.10
N ILE A 159 -16.53 2.29 -19.58
CA ILE A 159 -16.53 1.94 -21.01
C ILE A 159 -17.84 1.32 -21.50
N SER A 160 -17.99 1.13 -22.80
N SER A 160 -17.98 1.20 -22.82
CA SER A 160 -19.29 0.71 -23.35
CA SER A 160 -19.26 0.73 -23.43
C SER A 160 -19.42 -0.74 -23.75
C SER A 160 -19.42 -0.75 -23.71
N ASP A 161 -18.26 -1.40 -23.96
CA ASP A 161 -18.24 -2.74 -24.49
C ASP A 161 -16.86 -3.34 -24.14
N SER A 162 -16.85 -4.65 -24.05
CA SER A 162 -15.60 -5.41 -24.10
C SER A 162 -15.38 -5.93 -25.50
N THR A 163 -14.13 -6.05 -25.94
CA THR A 163 -13.83 -6.64 -27.23
C THR A 163 -14.09 -8.09 -27.37
N PHE A 164 -14.11 -8.78 -26.23
CA PHE A 164 -14.40 -10.20 -26.13
C PHE A 164 -15.37 -10.48 -25.00
N PRO A 165 -16.02 -11.67 -25.02
CA PRO A 165 -16.94 -11.98 -23.94
C PRO A 165 -16.29 -11.88 -22.58
N ILE A 166 -17.08 -11.37 -21.67
CA ILE A 166 -16.65 -11.11 -20.27
C ILE A 166 -16.87 -12.36 -19.43
N GLU A 167 -15.76 -12.99 -19.09
CA GLU A 167 -15.77 -14.26 -18.41
C GLU A 167 -14.90 -14.18 -17.16
N ILE A 168 -15.31 -14.98 -16.16
CA ILE A 168 -14.66 -15.03 -14.86
C ILE A 168 -14.05 -16.41 -14.64
N TYR A 169 -12.78 -16.43 -14.25
CA TYR A 169 -11.96 -17.61 -14.12
C TYR A 169 -11.63 -17.84 -12.67
N HIS A 170 -11.62 -19.08 -12.21
CA HIS A 170 -11.29 -19.43 -10.83
C HIS A 170 -10.09 -20.38 -10.77
N ASN A 171 -9.02 -19.97 -10.10
CA ASN A 171 -7.89 -20.80 -9.81
C ASN A 171 -7.48 -20.69 -8.34
N GLY A 172 -8.44 -20.23 -7.51
CA GLY A 172 -8.22 -19.94 -6.07
C GLY A 172 -8.84 -18.57 -5.88
N PRO A 173 -8.17 -17.52 -6.30
CA PRO A 173 -8.81 -16.24 -6.54
C PRO A 173 -9.70 -16.35 -7.76
N ARG A 174 -10.43 -15.30 -8.04
CA ARG A 174 -11.19 -15.22 -9.30
C ARG A 174 -10.76 -13.99 -10.08
N HIS A 175 -10.71 -14.13 -11.39
CA HIS A 175 -10.28 -13.10 -12.33
C HIS A 175 -11.25 -12.93 -13.44
N VAL A 176 -11.75 -11.72 -13.64
CA VAL A 176 -12.60 -11.34 -14.78
C VAL A 176 -11.72 -10.65 -15.80
N PHE A 177 -11.98 -10.94 -17.07
CA PHE A 177 -11.26 -10.33 -18.17
C PHE A 177 -12.15 -9.47 -19.09
N VAL A 178 -11.70 -8.26 -19.28
CA VAL A 178 -12.38 -7.27 -20.12
C VAL A 178 -11.36 -6.77 -21.12
N GLY A 179 -11.71 -6.87 -22.41
CA GLY A 179 -10.84 -6.54 -23.50
C GLY A 179 -11.02 -5.11 -23.98
N LEU A 180 -9.94 -4.41 -24.22
CA LEU A 180 -9.93 -3.03 -24.70
C LEU A 180 -9.34 -3.04 -26.13
N PRO A 181 -9.76 -2.07 -26.92
CA PRO A 181 -9.42 -2.08 -28.34
C PRO A 181 -8.04 -1.55 -28.71
N SER A 182 -7.38 -0.94 -27.76
CA SER A 182 -6.05 -0.42 -27.96
C SER A 182 -5.35 -0.23 -26.62
N ILE A 183 -4.02 -0.14 -26.65
CA ILE A 183 -3.24 0.14 -25.46
C ILE A 183 -3.61 1.54 -24.95
N ASP A 184 -3.80 2.55 -25.86
CA ASP A 184 -4.22 3.83 -25.38
C ASP A 184 -5.54 3.80 -24.62
N ALA A 185 -6.48 3.03 -25.10
CA ALA A 185 -7.74 2.91 -24.40
C ALA A 185 -7.62 2.26 -23.05
N LEU A 186 -6.73 1.29 -22.93
CA LEU A 186 -6.41 0.65 -21.68
C LEU A 186 -5.87 1.66 -20.70
N SER A 187 -4.87 2.44 -21.15
CA SER A 187 -4.21 3.42 -20.32
C SER A 187 -5.16 4.54 -19.86
N ALA A 188 -6.16 4.81 -20.67
CA ALA A 188 -7.14 5.87 -20.38
C ALA A 188 -8.18 5.50 -19.36
N LEU A 189 -8.31 4.20 -19.02
CA LEU A 189 -9.28 3.79 -17.96
C LEU A 189 -9.00 4.52 -16.62
N HIS A 190 -10.13 4.99 -16.07
CA HIS A 190 -10.19 5.52 -14.72
C HIS A 190 -11.40 4.89 -14.04
N PRO A 191 -11.26 3.68 -13.55
CA PRO A 191 -12.45 2.95 -13.01
C PRO A 191 -12.97 3.61 -11.70
N ASP A 192 -14.21 3.35 -11.43
CA ASP A 192 -14.88 3.79 -10.21
C ASP A 192 -14.57 2.68 -9.18
N HIS A 193 -13.59 2.93 -8.30
CA HIS A 193 -13.07 1.97 -7.29
C HIS A 193 -14.35 1.52 -6.44
N ARG A 194 -15.20 2.46 -6.02
CA ARG A 194 -16.31 2.13 -5.13
C ARG A 194 -17.33 1.24 -5.87
N ALA A 195 -17.60 1.49 -7.12
CA ALA A 195 -18.47 0.63 -7.87
C ALA A 195 -17.85 -0.76 -8.04
N LEU A 196 -16.54 -0.81 -8.23
CA LEU A 196 -15.88 -2.10 -8.28
C LEU A 196 -15.95 -2.91 -7.02
N SER A 197 -16.16 -2.23 -5.87
N SER A 197 -16.14 -2.22 -5.87
CA SER A 197 -16.23 -2.92 -4.59
CA SER A 197 -16.19 -2.89 -4.57
C SER A 197 -17.49 -3.81 -4.48
C SER A 197 -17.38 -3.82 -4.42
N ASN A 198 -18.47 -3.61 -5.35
N ASN A 198 -18.38 -3.67 -5.28
CA ASN A 198 -19.61 -4.52 -5.44
CA ASN A 198 -19.51 -4.58 -5.28
C ASN A 198 -19.31 -5.84 -6.11
C ASN A 198 -19.24 -5.89 -6.02
N PHE A 199 -18.04 -6.02 -6.61
CA PHE A 199 -17.58 -7.25 -7.23
C PHE A 199 -16.70 -7.98 -6.21
N HIS A 200 -17.31 -8.88 -5.46
CA HIS A 200 -16.67 -9.49 -4.30
C HIS A 200 -15.82 -10.70 -4.78
N ASP A 201 -14.73 -10.94 -4.08
CA ASP A 201 -13.89 -12.12 -4.28
C ASP A 201 -13.52 -12.24 -5.76
N MET A 202 -13.04 -11.12 -6.32
CA MET A 202 -12.55 -11.17 -7.74
C MET A 202 -11.67 -9.98 -7.99
N ALA A 203 -10.85 -10.13 -9.02
CA ALA A 203 -10.06 -9.06 -9.56
C ALA A 203 -10.48 -8.80 -11.00
N ILE A 204 -10.49 -7.55 -11.43
N ILE A 204 -10.45 -7.55 -11.43
CA ILE A 204 -10.86 -7.15 -12.76
CA ILE A 204 -10.89 -7.16 -12.75
C ILE A 204 -9.61 -6.85 -13.55
C ILE A 204 -9.65 -6.82 -13.57
N ASN A 205 -9.40 -7.62 -14.61
CA ASN A 205 -8.21 -7.53 -15.44
C ASN A 205 -8.60 -7.05 -16.81
N CYS A 206 -8.11 -5.87 -17.17
CA CYS A 206 -8.38 -5.24 -18.46
C CYS A 206 -7.18 -5.42 -19.35
N PHE A 207 -7.36 -5.86 -20.60
CA PHE A 207 -6.22 -6.22 -21.47
C PHE A 207 -6.38 -5.59 -22.81
N ALA A 208 -5.26 -5.45 -23.49
CA ALA A 208 -5.17 -4.97 -24.88
C ALA A 208 -3.86 -5.46 -25.46
N GLY A 209 -3.79 -5.63 -26.75
CA GLY A 209 -2.56 -6.06 -27.39
C GLY A 209 -2.83 -6.86 -28.63
N ALA A 210 -1.83 -7.65 -29.04
CA ALA A 210 -1.90 -8.39 -30.28
C ALA A 210 -0.81 -9.45 -30.27
N GLY A 211 -1.16 -10.64 -30.81
CA GLY A 211 -0.18 -11.60 -31.09
C GLY A 211 0.49 -12.12 -29.83
N ARG A 212 1.79 -12.03 -29.80
CA ARG A 212 2.53 -12.52 -28.62
C ARG A 212 2.69 -11.49 -27.52
N ARG A 213 2.22 -10.26 -27.69
CA ARG A 213 2.46 -9.20 -26.74
C ARG A 213 1.19 -8.52 -26.28
N TRP A 214 0.94 -8.59 -24.99
CA TRP A 214 -0.28 -8.05 -24.40
C TRP A 214 0.07 -7.17 -23.25
N ARG A 215 -0.81 -6.22 -22.99
CA ARG A 215 -0.77 -5.32 -21.83
C ARG A 215 -2.00 -5.57 -20.98
N SER A 216 -1.83 -5.37 -19.68
N SER A 216 -1.83 -5.40 -19.68
CA SER A 216 -2.90 -5.53 -18.69
CA SER A 216 -2.95 -5.44 -18.77
C SER A 216 -2.85 -4.48 -17.63
C SER A 216 -2.86 -4.46 -17.66
N ARG A 217 -4.02 -4.24 -17.07
CA ARG A 217 -4.17 -3.48 -15.81
C ARG A 217 -5.17 -4.27 -14.95
N MET A 218 -4.93 -4.36 -13.65
CA MET A 218 -5.81 -5.09 -12.74
C MET A 218 -6.25 -4.16 -11.61
N PHE A 219 -7.54 -4.26 -11.29
CA PHE A 219 -8.18 -3.48 -10.24
C PHE A 219 -8.94 -4.43 -9.34
N SER A 220 -8.76 -4.33 -8.00
CA SER A 220 -9.49 -5.23 -7.09
C SER A 220 -9.65 -4.68 -5.67
N PRO A 221 -10.72 -3.93 -5.47
CA PRO A 221 -11.11 -3.64 -4.07
C PRO A 221 -11.27 -4.89 -3.22
N ALA A 222 -11.81 -5.96 -3.79
CA ALA A 222 -12.02 -7.17 -3.02
C ALA A 222 -10.71 -7.73 -2.42
N TYR A 223 -9.61 -7.59 -3.16
CA TYR A 223 -8.31 -8.09 -2.71
C TYR A 223 -7.45 -6.93 -2.20
N GLY A 224 -8.09 -5.80 -1.83
CA GLY A 224 -7.39 -4.76 -1.14
C GLY A 224 -6.45 -3.89 -1.91
N VAL A 225 -6.67 -3.76 -3.21
CA VAL A 225 -5.78 -2.99 -4.07
C VAL A 225 -6.50 -2.18 -5.13
N VAL A 226 -6.20 -0.90 -5.24
CA VAL A 226 -6.80 -0.03 -6.26
C VAL A 226 -6.36 -0.56 -7.61
N GLU A 227 -5.05 -0.73 -7.80
CA GLU A 227 -4.46 -1.25 -9.06
C GLU A 227 -3.23 -2.02 -8.72
N ASP A 228 -3.20 -3.26 -9.12
CA ASP A 228 -2.08 -4.14 -8.89
C ASP A 228 -1.08 -4.13 -10.02
N ALA A 229 0.21 -4.24 -9.73
CA ALA A 229 1.27 -4.21 -10.71
C ALA A 229 1.46 -5.45 -11.54
N ALA A 230 1.26 -6.62 -10.92
CA ALA A 230 1.49 -7.88 -11.67
C ALA A 230 0.67 -8.95 -11.02
N THR A 231 -0.36 -9.37 -11.69
CA THR A 231 -1.34 -10.31 -11.12
C THR A 231 -1.06 -11.67 -11.74
N GLY A 232 -0.13 -12.41 -11.12
CA GLY A 232 0.40 -13.58 -11.73
C GLY A 232 -0.62 -14.70 -11.97
N SER A 233 -1.57 -14.83 -11.03
CA SER A 233 -2.65 -15.80 -11.16
C SER A 233 -3.69 -15.42 -12.21
N ALA A 234 -3.57 -14.22 -12.78
CA ALA A 234 -4.39 -13.82 -13.94
C ALA A 234 -3.67 -14.09 -15.23
N ALA A 235 -2.36 -14.28 -15.22
CA ALA A 235 -1.59 -14.43 -16.46
C ALA A 235 -1.94 -15.73 -17.21
N GLY A 236 -2.05 -16.81 -16.44
CA GLY A 236 -2.41 -18.12 -16.99
C GLY A 236 -3.80 -18.09 -17.58
N PRO A 237 -4.78 -17.67 -16.80
CA PRO A 237 -6.13 -17.50 -17.35
C PRO A 237 -6.17 -16.58 -18.55
N LEU A 238 -5.43 -15.50 -18.58
CA LEU A 238 -5.47 -14.63 -19.78
C LEU A 238 -5.01 -15.41 -21.01
N ALA A 239 -3.92 -16.18 -20.89
CA ALA A 239 -3.49 -16.97 -22.03
C ALA A 239 -4.61 -17.91 -22.51
N ILE A 240 -5.28 -18.57 -21.58
CA ILE A 240 -6.45 -19.42 -21.95
C ILE A 240 -7.49 -18.57 -22.65
N HIS A 241 -7.84 -17.43 -22.08
CA HIS A 241 -8.87 -16.55 -22.57
C HIS A 241 -8.59 -16.14 -24.03
N LEU A 242 -7.35 -15.76 -24.30
CA LEU A 242 -6.96 -15.29 -25.62
C LEU A 242 -7.02 -16.44 -26.64
N ALA A 243 -6.64 -17.65 -26.20
CA ALA A 243 -6.71 -18.82 -27.08
C ALA A 243 -8.16 -19.27 -27.31
N ARG A 244 -8.98 -19.22 -26.25
CA ARG A 244 -10.39 -19.60 -26.36
C ARG A 244 -11.11 -18.66 -27.35
N HIS A 245 -10.68 -17.40 -27.40
CA HIS A 245 -11.26 -16.36 -28.28
C HIS A 245 -10.49 -16.13 -29.54
N GLY A 246 -9.63 -17.09 -29.90
CA GLY A 246 -9.08 -17.19 -31.24
C GLY A 246 -7.96 -16.24 -31.56
N GLN A 247 -7.41 -15.52 -30.58
CA GLN A 247 -6.41 -14.48 -30.83
C GLN A 247 -4.96 -14.99 -30.81
N ILE A 248 -4.75 -16.12 -30.17
CA ILE A 248 -3.47 -16.85 -30.14
C ILE A 248 -3.80 -18.35 -30.21
N GLU A 249 -2.78 -19.17 -30.50
CA GLU A 249 -2.95 -20.64 -30.47
C GLU A 249 -2.76 -21.13 -29.04
N PHE A 250 -3.49 -22.18 -28.67
CA PHE A 250 -3.06 -22.95 -27.47
C PHE A 250 -1.66 -23.40 -27.61
N GLY A 251 -0.88 -23.26 -26.50
CA GLY A 251 0.49 -23.67 -26.46
C GLY A 251 1.42 -22.49 -26.86
N GLN A 252 0.91 -21.39 -27.40
CA GLN A 252 1.75 -20.25 -27.86
C GLN A 252 2.12 -19.46 -26.60
N PRO A 253 3.39 -19.30 -26.33
CA PRO A 253 3.78 -18.42 -25.20
C PRO A 253 3.48 -16.99 -25.49
N VAL A 254 3.00 -16.26 -24.48
CA VAL A 254 2.71 -14.83 -24.60
C VAL A 254 3.48 -14.08 -23.50
N GLU A 255 3.79 -12.81 -23.78
CA GLU A 255 4.23 -11.87 -22.82
C GLU A 255 3.09 -10.96 -22.44
N ILE A 256 2.86 -10.76 -21.15
CA ILE A 256 1.85 -9.87 -20.60
C ILE A 256 2.57 -8.86 -19.75
N LEU A 257 2.52 -7.61 -20.19
CA LEU A 257 3.16 -6.48 -19.51
C LEU A 257 2.05 -5.76 -18.71
N GLN A 258 2.15 -5.71 -17.40
CA GLN A 258 1.20 -5.10 -16.49
C GLN A 258 1.88 -3.97 -15.74
N GLY A 259 1.09 -3.04 -15.17
CA GLY A 259 1.64 -2.08 -14.24
C GLY A 259 2.35 -0.88 -14.86
N VAL A 260 2.25 -0.73 -16.18
CA VAL A 260 3.01 0.37 -16.83
C VAL A 260 2.62 1.75 -16.35
N GLU A 261 1.31 1.97 -16.35
CA GLU A 261 0.73 3.27 -16.02
C GLU A 261 1.02 3.72 -14.59
N ILE A 262 1.13 2.76 -13.67
CA ILE A 262 1.45 3.07 -12.28
C ILE A 262 2.96 3.06 -11.97
N GLY A 263 3.77 2.96 -13.01
CA GLY A 263 5.22 3.00 -12.80
C GLY A 263 5.87 1.75 -12.23
N ARG A 264 5.17 0.63 -12.41
CA ARG A 264 5.60 -0.67 -11.94
C ARG A 264 5.56 -1.68 -13.06
N PRO A 265 6.30 -1.47 -14.16
CA PRO A 265 6.17 -2.36 -15.31
C PRO A 265 6.62 -3.79 -14.87
N SER A 266 5.81 -4.75 -15.22
CA SER A 266 5.94 -6.16 -14.77
C SER A 266 5.75 -7.08 -15.98
N LEU A 267 6.69 -7.95 -16.26
CA LEU A 267 6.66 -8.79 -17.44
C LEU A 267 6.36 -10.22 -16.98
N MET A 268 5.19 -10.71 -17.35
CA MET A 268 4.72 -12.06 -17.06
C MET A 268 4.76 -12.88 -18.29
N PHE A 269 5.28 -14.08 -18.21
CA PHE A 269 5.30 -15.01 -19.31
C PHE A 269 4.29 -16.11 -19.04
N ALA A 270 3.45 -16.40 -20.01
CA ALA A 270 2.41 -17.42 -19.83
C ALA A 270 2.23 -18.31 -20.99
N LYS A 271 1.91 -19.57 -20.77
CA LYS A 271 1.53 -20.48 -21.85
C LYS A 271 0.52 -21.48 -21.34
N ALA A 272 -0.55 -21.68 -22.07
CA ALA A 272 -1.59 -22.65 -21.69
C ALA A 272 -1.63 -23.74 -22.74
N GLU A 273 -1.33 -24.94 -22.34
CA GLU A 273 -1.19 -26.05 -23.25
C GLU A 273 -2.45 -26.90 -23.19
N GLY A 274 -2.77 -27.51 -24.36
CA GLY A 274 -3.95 -28.37 -24.47
C GLY A 274 -5.01 -27.82 -25.41
N ARG A 275 -6.26 -27.91 -24.99
CA ARG A 275 -7.38 -27.37 -25.71
C ARG A 275 -8.37 -26.88 -24.76
N ALA A 276 -9.35 -26.09 -25.20
CA ALA A 276 -10.28 -25.45 -24.29
C ALA A 276 -10.96 -26.47 -23.35
N GLU A 277 -11.34 -27.61 -23.92
CA GLU A 277 -12.14 -28.61 -23.20
C GLU A 277 -11.25 -29.47 -22.32
N GLN A 278 -9.93 -29.45 -22.55
CA GLN A 278 -8.98 -30.19 -21.80
C GLN A 278 -7.56 -29.56 -21.84
N LEU A 279 -7.35 -28.74 -20.84
CA LEU A 279 -6.05 -28.13 -20.62
C LEU A 279 -5.16 -29.06 -19.90
N THR A 280 -3.89 -29.13 -20.30
CA THR A 280 -2.92 -29.97 -19.65
C THR A 280 -1.93 -29.27 -18.74
N ARG A 281 -1.61 -28.02 -19.02
CA ARG A 281 -0.65 -27.28 -18.22
C ARG A 281 -0.86 -25.80 -18.46
N VAL A 282 -0.72 -25.04 -17.37
CA VAL A 282 -0.83 -23.59 -17.38
C VAL A 282 0.42 -23.05 -16.72
N GLU A 283 1.40 -22.69 -17.53
CA GLU A 283 2.72 -22.28 -17.06
C GLU A 283 2.78 -20.75 -17.01
N VAL A 284 3.22 -20.20 -15.89
CA VAL A 284 3.51 -18.79 -15.73
C VAL A 284 4.94 -18.67 -15.17
N SER A 285 5.71 -17.78 -15.75
CA SER A 285 7.12 -17.58 -15.35
C SER A 285 7.46 -16.11 -15.31
N GLY A 286 8.55 -15.82 -14.62
CA GLY A 286 9.07 -14.50 -14.56
C GLY A 286 10.44 -14.46 -13.90
N ASN A 287 11.08 -13.32 -14.11
CA ASN A 287 12.27 -12.98 -13.35
C ASN A 287 11.83 -12.43 -11.99
N GLY A 288 12.74 -12.35 -11.07
CA GLY A 288 12.53 -11.65 -9.85
C GLY A 288 13.81 -11.30 -9.19
N VAL A 289 13.82 -10.21 -8.46
CA VAL A 289 15.06 -9.72 -7.85
C VAL A 289 14.80 -9.29 -6.40
N THR A 290 15.83 -9.31 -5.57
CA THR A 290 15.72 -8.93 -4.18
C THR A 290 15.83 -7.38 -4.13
N PHE A 291 14.88 -6.73 -3.48
CA PHE A 291 14.93 -5.31 -3.17
C PHE A 291 15.55 -5.07 -1.79
N GLY A 292 15.21 -5.87 -0.81
CA GLY A 292 15.70 -5.68 0.53
C GLY A 292 15.48 -6.86 1.43
N ARG A 293 16.07 -6.77 2.61
CA ARG A 293 16.09 -7.86 3.60
C ARG A 293 16.09 -7.25 4.99
N GLY A 294 15.30 -7.79 5.88
CA GLY A 294 15.28 -7.30 7.22
C GLY A 294 14.57 -8.22 8.17
N THR A 295 14.14 -7.64 9.31
CA THR A 295 13.58 -8.40 10.44
C THR A 295 12.49 -7.56 11.11
N ILE A 296 11.40 -8.26 11.44
CA ILE A 296 10.33 -7.63 12.20
C ILE A 296 10.37 -8.09 13.65
N VAL A 297 9.74 -7.30 14.53
CA VAL A 297 9.87 -7.48 15.96
C VAL A 297 8.94 -8.50 16.55
N LEU A 298 8.08 -9.09 15.77
CA LEU A 298 7.19 -10.11 16.20
C LEU A 298 7.26 -11.33 15.40
N HIS B 20 25.67 1.15 -3.88
CA HIS B 20 24.86 1.98 -2.92
C HIS B 20 23.78 1.05 -2.28
N MET B 21 23.66 1.19 -0.97
CA MET B 21 22.66 0.47 -0.17
C MET B 21 22.22 1.44 0.92
N HIS B 22 21.02 1.19 1.46
CA HIS B 22 20.46 2.03 2.48
C HIS B 22 19.72 1.20 3.54
N ASN B 23 20.02 1.53 4.80
CA ASN B 23 19.29 0.98 5.95
C ASN B 23 17.99 1.75 6.17
N TYR B 24 16.99 1.06 6.68
CA TYR B 24 15.74 1.65 7.01
C TYR B 24 15.17 1.05 8.30
N VAL B 25 14.32 1.86 8.95
N VAL B 25 14.20 1.78 8.88
CA VAL B 25 13.45 1.31 9.99
CA VAL B 25 13.42 1.29 10.06
C VAL B 25 12.06 1.63 9.55
C VAL B 25 11.95 1.59 9.76
N ILE B 26 11.19 0.80 10.01
N ILE B 26 11.10 0.67 10.12
CA ILE B 26 9.68 0.95 9.97
CA ILE B 26 9.62 0.86 10.05
C ILE B 26 9.24 1.27 11.37
C ILE B 26 9.16 1.23 11.39
N ILE B 27 8.66 2.45 11.55
CA ILE B 27 8.08 2.94 12.79
C ILE B 27 6.57 2.97 12.61
N ASP B 28 5.85 2.40 13.59
CA ASP B 28 4.41 2.59 13.74
C ASP B 28 4.20 3.82 14.57
N ALA B 29 3.84 4.91 13.91
CA ALA B 29 3.60 6.22 14.56
C ALA B 29 2.20 6.33 15.14
N PHE B 30 2.10 6.99 16.29
CA PHE B 30 0.84 7.18 17.00
C PHE B 30 0.31 5.81 17.53
N ALA B 31 1.23 5.03 18.02
CA ALA B 31 0.91 3.76 18.68
C ALA B 31 2.00 3.40 19.63
N SER B 32 1.66 2.61 20.63
N SER B 32 1.61 2.54 20.57
CA SER B 32 2.63 2.14 21.61
CA SER B 32 2.46 2.02 21.62
C SER B 32 2.88 0.63 21.47
C SER B 32 2.95 0.61 21.23
N VAL B 33 2.27 0.06 20.45
N VAL B 33 2.10 -0.13 20.52
CA VAL B 33 2.26 -1.39 20.21
CA VAL B 33 2.42 -1.52 20.21
C VAL B 33 2.48 -1.62 18.69
C VAL B 33 2.48 -1.66 18.69
N PRO B 34 3.30 -2.56 18.26
CA PRO B 34 3.42 -2.81 16.82
C PRO B 34 2.07 -3.32 16.24
N LEU B 35 1.82 -3.02 14.98
CA LEU B 35 0.63 -3.37 14.22
C LEU B 35 -0.50 -2.45 14.47
N GLU B 36 -0.30 -1.48 15.34
CA GLU B 36 -1.27 -0.39 15.47
C GLU B 36 -0.62 0.92 14.92
N GLY B 37 -1.33 2.03 14.94
CA GLY B 37 -0.75 3.22 14.43
C GLY B 37 -0.56 3.18 12.89
N ASN B 38 0.30 4.08 12.43
CA ASN B 38 0.50 4.30 10.97
C ASN B 38 1.93 4.11 10.65
N PRO B 39 2.27 3.10 9.81
CA PRO B 39 3.67 2.84 9.53
C PRO B 39 4.32 3.95 8.67
N VAL B 40 5.62 4.20 8.93
CA VAL B 40 6.44 5.00 8.05
C VAL B 40 7.78 4.27 7.89
N ALA B 41 8.29 4.25 6.67
CA ALA B 41 9.63 3.71 6.42
C ALA B 41 10.61 4.90 6.41
N VAL B 42 11.63 4.84 7.24
CA VAL B 42 12.63 5.91 7.43
C VAL B 42 13.94 5.36 6.88
N PHE B 43 14.47 6.01 5.82
CA PHE B 43 15.70 5.62 5.16
C PHE B 43 16.82 6.54 5.56
N PHE B 44 17.91 5.95 6.05
CA PHE B 44 19.04 6.68 6.55
C PHE B 44 20.08 6.94 5.47
N ASP B 45 20.87 8.00 5.68
CA ASP B 45 22.03 8.32 4.83
C ASP B 45 21.66 8.34 3.37
N ALA B 46 20.63 9.10 3.14
CA ALA B 46 19.95 9.05 1.82
C ALA B 46 20.37 10.10 0.78
N ASP B 47 21.44 10.83 1.08
CA ASP B 47 21.87 11.96 0.22
C ASP B 47 22.19 11.55 -1.19
N ASP B 48 22.59 10.31 -1.39
CA ASP B 48 22.99 9.80 -2.67
C ASP B 48 21.83 9.38 -3.54
N LEU B 49 20.58 9.48 -3.05
CA LEU B 49 19.42 9.12 -3.83
C LEU B 49 18.85 10.39 -4.47
N PRO B 50 18.75 10.47 -5.80
CA PRO B 50 18.01 11.58 -6.40
C PRO B 50 16.53 11.57 -5.97
N PRO B 51 15.84 12.70 -5.94
CA PRO B 51 14.42 12.70 -5.57
C PRO B 51 13.58 11.78 -6.44
N ALA B 52 13.90 11.64 -7.72
CA ALA B 52 13.14 10.72 -8.55
C ALA B 52 13.21 9.29 -8.01
N GLN B 53 14.36 8.89 -7.51
N GLN B 53 14.37 8.92 -7.51
CA GLN B 53 14.48 7.56 -6.89
CA GLN B 53 14.56 7.60 -6.91
C GLN B 53 13.81 7.48 -5.54
C GLN B 53 13.93 7.46 -5.53
N MET B 54 13.91 8.53 -4.74
CA MET B 54 13.21 8.54 -3.47
C MET B 54 11.71 8.29 -3.75
N GLN B 55 11.15 8.94 -4.74
CA GLN B 55 9.74 8.73 -5.07
C GLN B 55 9.42 7.29 -5.40
N ARG B 56 10.30 6.66 -6.21
CA ARG B 56 10.09 5.28 -6.60
C ARG B 56 10.24 4.36 -5.41
N ILE B 57 11.17 4.65 -4.47
CA ILE B 57 11.32 3.84 -3.27
C ILE B 57 10.08 3.97 -2.41
N ALA B 58 9.51 5.18 -2.31
CA ALA B 58 8.24 5.33 -1.56
C ALA B 58 7.13 4.51 -2.13
N ARG B 59 7.05 4.41 -3.45
CA ARG B 59 6.05 3.51 -4.04
C ARG B 59 6.33 2.05 -3.79
N GLU B 60 7.62 1.67 -3.86
CA GLU B 60 8.02 0.29 -3.51
C GLU B 60 7.52 -0.08 -2.11
N MET B 61 7.73 0.80 -1.14
CA MET B 61 7.29 0.49 0.24
C MET B 61 5.77 0.51 0.39
N ASN B 62 5.13 1.41 -0.36
CA ASN B 62 3.70 1.50 -0.45
C ASN B 62 2.99 1.87 0.85
N LEU B 63 3.75 2.48 1.76
CA LEU B 63 3.19 3.01 2.97
C LEU B 63 2.67 4.43 2.66
N SER B 64 1.89 5.01 3.61
CA SER B 64 1.40 6.33 3.37
C SER B 64 2.51 7.32 3.11
N GLU B 65 3.64 7.16 3.77
CA GLU B 65 4.87 7.87 3.42
C GLU B 65 6.09 7.04 3.74
N SER B 66 7.17 7.36 3.01
CA SER B 66 8.54 7.04 3.40
C SER B 66 9.29 8.36 3.53
N THR B 67 10.28 8.36 4.41
CA THR B 67 11.12 9.53 4.60
C THR B 67 12.59 9.22 4.33
N PHE B 68 13.36 10.23 4.02
CA PHE B 68 14.72 10.14 3.60
C PHE B 68 15.55 11.12 4.42
N VAL B 69 16.53 10.62 5.14
CA VAL B 69 17.31 11.43 6.08
C VAL B 69 18.57 11.88 5.41
N LEU B 70 18.69 13.21 5.28
CA LEU B 70 19.76 13.87 4.56
C LEU B 70 20.58 14.75 5.52
N LYS B 71 21.80 15.04 5.16
N LYS B 71 21.75 15.13 5.08
CA LYS B 71 22.55 15.90 6.02
CA LYS B 71 22.50 16.08 5.87
C LYS B 71 21.91 17.28 6.07
C LYS B 71 21.79 17.34 6.06
N PRO B 72 22.07 18.03 7.18
CA PRO B 72 21.42 19.32 7.38
C PRO B 72 22.08 20.42 6.48
N ARG B 73 21.29 21.45 6.26
CA ARG B 73 21.71 22.66 5.50
C ARG B 73 21.49 24.00 6.25
N ASN B 74 20.84 23.98 7.39
CA ASN B 74 20.35 25.23 8.09
C ASN B 74 20.34 25.05 9.58
N GLY B 75 21.35 24.40 10.08
CA GLY B 75 21.52 24.30 11.54
C GLY B 75 20.76 23.24 12.31
N GLY B 76 19.89 22.48 11.62
CA GLY B 76 19.22 21.33 12.21
C GLY B 76 20.10 20.08 12.38
N ASP B 77 19.53 19.01 12.91
CA ASP B 77 20.22 17.73 13.06
C ASP B 77 20.27 16.93 11.72
N ALA B 78 19.22 17.14 10.88
CA ALA B 78 19.06 16.45 9.61
C ALA B 78 18.07 17.23 8.83
N LEU B 79 18.08 16.99 7.53
CA LEU B 79 17.06 17.49 6.59
C LEU B 79 16.29 16.27 6.13
N ILE B 80 14.98 16.32 6.23
CA ILE B 80 14.09 15.17 5.93
C ILE B 80 13.26 15.49 4.67
N ARG B 81 13.31 14.58 3.67
CA ARG B 81 12.41 14.66 2.53
C ARG B 81 11.34 13.57 2.71
N ILE B 82 10.11 13.89 2.35
CA ILE B 82 8.93 13.12 2.67
C ILE B 82 8.16 12.80 1.39
N PHE B 83 7.92 11.51 1.15
CA PHE B 83 7.23 11.08 -0.04
C PHE B 83 6.09 10.19 0.26
N THR B 84 4.92 10.48 -0.31
CA THR B 84 3.82 9.53 -0.44
C THR B 84 4.13 8.55 -1.58
N PRO B 85 3.26 7.55 -1.82
CA PRO B 85 3.51 6.69 -2.94
C PRO B 85 3.50 7.41 -4.29
N VAL B 86 2.96 8.64 -4.36
CA VAL B 86 2.81 9.32 -5.62
C VAL B 86 3.39 10.74 -5.67
N ASN B 87 3.70 11.35 -4.56
CA ASN B 87 4.20 12.73 -4.56
C ASN B 87 5.07 13.07 -3.36
N GLU B 88 5.82 14.15 -3.44
CA GLU B 88 6.57 14.71 -2.34
C GLU B 88 5.70 15.66 -1.53
N LEU B 89 5.83 15.68 -0.23
CA LEU B 89 5.19 16.67 0.66
C LEU B 89 6.23 17.51 1.35
N PRO B 90 5.89 18.79 1.63
CA PRO B 90 6.86 19.67 2.30
C PRO B 90 6.90 19.52 3.78
N PHE B 91 5.88 18.87 4.34
CA PHE B 91 5.72 18.65 5.79
C PHE B 91 4.69 17.53 5.94
N ALA B 92 4.84 16.72 7.01
CA ALA B 92 3.77 15.74 7.34
C ALA B 92 4.04 15.30 8.76
N GLY B 93 2.98 15.00 9.51
CA GLY B 93 3.09 14.70 10.88
C GLY B 93 3.46 13.29 11.27
N HIS B 94 2.72 12.28 10.83
CA HIS B 94 3.12 10.91 11.20
C HIS B 94 4.51 10.58 10.64
N PRO B 95 4.85 11.00 9.42
CA PRO B 95 6.18 10.62 8.94
C PRO B 95 7.30 11.26 9.74
N LEU B 96 7.13 12.51 10.15
CA LEU B 96 8.15 13.16 10.96
C LEU B 96 8.20 12.64 12.39
N LEU B 97 7.05 12.33 12.96
CA LEU B 97 7.08 11.67 14.29
C LEU B 97 7.88 10.39 14.24
N GLY B 98 7.60 9.56 13.24
CA GLY B 98 8.32 8.34 13.12
C GLY B 98 9.79 8.57 12.87
N THR B 99 10.11 9.57 12.00
CA THR B 99 11.52 9.87 11.77
C THR B 99 12.27 10.35 13.02
N ALA B 100 11.60 11.15 13.83
CA ALA B 100 12.17 11.65 15.09
C ALA B 100 12.41 10.51 16.04
N ILE B 101 11.46 9.58 16.16
CA ILE B 101 11.63 8.41 17.01
C ILE B 101 12.77 7.53 16.53
N ALA B 102 12.82 7.31 15.20
CA ALA B 102 13.89 6.49 14.67
C ALA B 102 15.28 7.15 14.90
N LEU B 103 15.40 8.46 14.62
CA LEU B 103 16.67 9.16 14.83
C LEU B 103 17.02 9.30 16.28
N GLY B 104 16.02 9.33 17.14
CA GLY B 104 16.19 9.41 18.54
C GLY B 104 16.92 8.23 19.12
N ALA B 105 16.89 7.09 18.44
CA ALA B 105 17.65 5.89 18.78
C ALA B 105 19.16 6.14 18.67
N HIS B 106 19.55 7.18 17.90
CA HIS B 106 20.97 7.38 17.46
C HIS B 106 21.58 8.53 18.34
N THR B 107 20.82 9.11 19.28
CA THR B 107 21.33 10.25 20.09
C THR B 107 20.82 10.12 21.53
N ASP B 108 21.51 10.76 22.47
CA ASP B 108 21.03 10.93 23.85
C ASP B 108 20.30 12.30 24.00
N ASN B 109 20.31 13.17 22.97
CA ASN B 109 19.67 14.50 23.09
C ASN B 109 18.14 14.40 23.40
N HIS B 110 17.61 15.35 24.15
CA HIS B 110 16.18 15.46 24.51
C HIS B 110 15.41 16.10 23.36
N ARG B 111 16.05 16.93 22.57
CA ARG B 111 15.42 17.66 21.47
C ARG B 111 16.10 17.31 20.16
N LEU B 112 15.32 17.28 19.10
CA LEU B 112 15.80 16.99 17.76
C LEU B 112 15.18 18.03 16.81
N TYR B 113 15.98 18.56 15.90
CA TYR B 113 15.58 19.62 14.99
C TYR B 113 15.65 19.07 13.58
N LEU B 114 14.50 18.95 12.94
CA LEU B 114 14.36 18.29 11.61
C LEU B 114 14.01 19.32 10.62
N GLU B 115 14.96 19.61 9.70
N GLU B 115 14.95 19.62 9.72
CA GLU B 115 14.74 20.55 8.62
CA GLU B 115 14.71 20.55 8.63
C GLU B 115 13.80 19.95 7.63
C GLU B 115 13.77 19.93 7.64
N THR B 116 12.87 20.73 7.10
CA THR B 116 11.97 20.35 6.04
C THR B 116 11.78 21.51 5.08
N GLN B 117 11.01 21.27 4.00
CA GLN B 117 10.70 22.34 3.06
C GLN B 117 9.87 23.43 3.78
N MET B 118 9.20 23.13 4.87
CA MET B 118 8.46 24.12 5.63
C MET B 118 9.27 24.78 6.78
N GLY B 119 10.53 24.51 6.84
CA GLY B 119 11.35 25.05 7.88
C GLY B 119 11.77 23.99 8.86
N THR B 120 12.40 24.42 9.92
CA THR B 120 12.87 23.45 10.91
C THR B 120 11.80 23.13 11.94
N ILE B 121 11.52 21.87 12.09
CA ILE B 121 10.53 21.36 13.05
C ILE B 121 11.25 20.82 14.32
N ALA B 122 10.90 21.38 15.48
CA ALA B 122 11.48 20.96 16.73
C ALA B 122 10.66 19.85 17.35
N PHE B 123 11.36 18.84 17.80
CA PHE B 123 10.84 17.71 18.55
C PHE B 123 11.42 17.61 19.92
N GLU B 124 10.58 17.26 20.85
CA GLU B 124 10.94 16.84 22.20
C GLU B 124 10.71 15.34 22.27
N LEU B 125 11.76 14.63 22.60
CA LEU B 125 11.73 13.15 22.65
C LEU B 125 11.48 12.70 24.08
N GLU B 126 10.67 11.68 24.26
CA GLU B 126 10.36 11.12 25.53
C GLU B 126 10.94 9.76 25.59
N ARG B 127 11.77 9.53 26.59
CA ARG B 127 12.46 8.30 26.71
C ARG B 127 11.94 7.55 27.97
N GLN B 128 12.05 6.23 27.95
CA GLN B 128 11.66 5.42 29.12
C GLN B 128 12.58 4.22 29.06
N ASN B 129 13.28 3.96 30.18
CA ASN B 129 14.30 2.88 30.25
C ASN B 129 15.19 2.76 28.97
N GLY B 130 15.75 3.89 28.49
CA GLY B 130 16.67 3.89 27.33
C GLY B 130 16.09 3.70 25.91
N SER B 131 14.82 3.98 25.75
CA SER B 131 14.20 3.84 24.46
C SER B 131 13.45 5.13 24.31
N VAL B 132 13.50 5.69 23.11
CA VAL B 132 12.57 6.78 22.76
C VAL B 132 11.21 6.09 22.52
N ILE B 133 10.20 6.50 23.28
CA ILE B 133 8.87 5.91 23.20
C ILE B 133 7.81 6.83 22.64
N ALA B 134 8.12 8.10 22.56
CA ALA B 134 7.18 9.10 22.10
C ALA B 134 7.90 10.40 21.75
N ALA B 135 7.16 11.26 21.07
CA ALA B 135 7.71 12.59 20.80
C ALA B 135 6.60 13.59 20.61
N SER B 136 6.93 14.88 20.72
CA SER B 136 6.04 16.00 20.53
C SER B 136 6.72 16.92 19.52
N MET B 137 5.96 17.48 18.64
CA MET B 137 6.41 18.45 17.67
C MET B 137 5.64 19.76 17.75
N ASP B 138 6.32 20.87 17.39
CA ASP B 138 5.68 22.12 17.20
C ASP B 138 5.45 22.27 15.69
N GLN B 139 4.23 22.16 15.22
CA GLN B 139 3.97 22.24 13.80
C GLN B 139 4.03 23.65 13.24
N PRO B 140 4.15 23.82 11.92
CA PRO B 140 3.88 25.16 11.34
C PRO B 140 2.44 25.61 11.67
N ILE B 141 2.30 26.88 11.93
CA ILE B 141 0.97 27.50 12.21
C ILE B 141 0.30 27.49 10.86
N PRO B 142 -0.85 26.86 10.73
CA PRO B 142 -1.55 26.82 9.46
C PRO B 142 -2.30 28.07 9.10
N THR B 143 -2.58 28.24 7.83
CA THR B 143 -3.60 29.21 7.36
C THR B 143 -4.78 28.43 6.99
N TRP B 144 -5.97 29.14 6.91
CA TRP B 144 -7.14 28.38 6.56
C TRP B 144 -8.16 29.32 5.86
N THR B 145 -9.06 28.70 5.15
CA THR B 145 -10.18 29.47 4.49
C THR B 145 -11.29 28.39 4.24
N ALA B 146 -12.47 28.90 3.99
CA ALA B 146 -13.51 27.99 3.48
C ALA B 146 -13.17 27.36 2.23
N LEU B 147 -13.51 26.09 1.99
CA LEU B 147 -13.14 25.45 0.72
C LEU B 147 -13.98 25.94 -0.44
N GLY B 148 -15.24 26.13 -0.16
CA GLY B 148 -16.19 26.61 -1.21
C GLY B 148 -16.51 25.62 -2.37
N ARG B 149 -16.34 24.32 -2.11
CA ARG B 149 -16.71 23.30 -3.06
C ARG B 149 -17.60 22.27 -2.35
N ASP B 150 -18.52 22.74 -1.53
CA ASP B 150 -19.25 21.89 -0.60
C ASP B 150 -20.13 20.88 -1.34
N ALA B 151 -20.86 21.29 -2.39
CA ALA B 151 -21.74 20.30 -2.99
C ALA B 151 -20.96 19.16 -3.61
N GLU B 152 -19.84 19.51 -4.27
CA GLU B 152 -18.97 18.53 -4.90
C GLU B 152 -18.42 17.57 -3.87
N LEU B 153 -17.86 18.10 -2.80
CA LEU B 153 -17.18 17.24 -1.79
C LEU B 153 -18.17 16.38 -1.04
N LEU B 154 -19.32 16.95 -0.63
CA LEU B 154 -20.31 16.18 0.07
C LEU B 154 -20.86 15.03 -0.80
N LYS B 155 -21.07 15.28 -2.08
CA LYS B 155 -21.46 14.20 -2.97
C LYS B 155 -20.42 13.09 -3.08
N ALA B 156 -19.13 13.45 -3.18
CA ALA B 156 -18.09 12.45 -3.23
C ALA B 156 -18.08 11.60 -1.95
N LEU B 157 -18.39 12.22 -0.77
CA LEU B 157 -18.33 11.52 0.52
C LEU B 157 -19.60 10.71 0.75
N GLY B 158 -20.66 11.04 0.01
CA GLY B 158 -21.97 10.41 0.16
C GLY B 158 -22.86 10.94 1.21
N ILE B 159 -22.72 12.22 1.57
CA ILE B 159 -23.51 12.85 2.63
C ILE B 159 -24.07 14.15 2.15
N SER B 160 -24.94 14.75 2.94
N SER B 160 -24.97 14.76 2.90
CA SER B 160 -25.73 15.91 2.52
CA SER B 160 -25.70 15.95 2.44
C SER B 160 -25.27 17.22 3.09
C SER B 160 -25.23 17.24 3.07
N ASP B 161 -24.52 17.18 4.21
CA ASP B 161 -23.96 18.37 4.78
C ASP B 161 -22.91 18.06 5.83
N SER B 162 -22.28 19.11 6.34
CA SER B 162 -21.28 19.04 7.42
C SER B 162 -21.82 19.69 8.68
N THR B 163 -21.45 19.19 9.88
CA THR B 163 -21.86 19.82 11.12
C THR B 163 -21.21 21.22 11.36
N PHE B 164 -20.10 21.50 10.68
CA PHE B 164 -19.33 22.74 10.76
C PHE B 164 -18.96 23.23 9.41
N PRO B 165 -18.67 24.49 9.26
CA PRO B 165 -18.23 25.01 7.99
C PRO B 165 -17.01 24.15 7.48
N ILE B 166 -17.07 23.88 6.18
CA ILE B 166 -16.07 23.06 5.57
C ILE B 166 -14.86 23.96 5.16
N GLU B 167 -13.74 23.82 5.86
CA GLU B 167 -12.60 24.66 5.73
C GLU B 167 -11.36 23.81 5.43
N ILE B 168 -10.46 24.42 4.70
CA ILE B 168 -9.17 23.86 4.29
C ILE B 168 -8.00 24.58 4.91
N TYR B 169 -7.10 23.84 5.51
CA TYR B 169 -5.96 24.35 6.23
C TYR B 169 -4.70 23.98 5.50
N HIS B 170 -3.72 24.86 5.54
CA HIS B 170 -2.43 24.59 4.88
C HIS B 170 -1.31 24.76 5.89
N ASN B 171 -0.53 23.69 6.03
CA ASN B 171 0.72 23.69 6.79
C ASN B 171 1.85 23.01 6.02
N GLY B 172 1.69 23.01 4.73
CA GLY B 172 2.54 22.31 3.78
C GLY B 172 1.68 21.48 2.87
N PRO B 173 1.22 20.34 3.36
CA PRO B 173 0.05 19.72 2.79
C PRO B 173 -1.21 20.59 3.10
N ARG B 174 -2.32 20.18 2.52
CA ARG B 174 -3.63 20.81 2.85
C ARG B 174 -4.59 19.78 3.35
N HIS B 175 -5.42 20.20 4.32
CA HIS B 175 -6.38 19.37 5.03
C HIS B 175 -7.71 20.07 5.05
N VAL B 176 -8.72 19.40 4.49
CA VAL B 176 -10.14 19.78 4.61
C VAL B 176 -10.76 19.03 5.77
N PHE B 177 -11.61 19.71 6.47
CA PHE B 177 -12.36 19.09 7.63
C PHE B 177 -13.85 19.14 7.37
N VAL B 178 -14.48 17.94 7.46
CA VAL B 178 -15.91 17.76 7.32
C VAL B 178 -16.41 17.10 8.57
N GLY B 179 -17.37 17.71 9.27
CA GLY B 179 -17.90 17.19 10.52
C GLY B 179 -19.09 16.31 10.31
N LEU B 180 -19.09 15.22 11.10
CA LEU B 180 -20.15 14.18 11.06
C LEU B 180 -20.87 14.22 12.45
N PRO B 181 -22.17 13.97 12.49
CA PRO B 181 -22.95 14.19 13.72
C PRO B 181 -22.81 13.04 14.73
N SER B 182 -22.19 11.93 14.39
CA SER B 182 -21.99 10.84 15.31
C SER B 182 -20.82 9.97 14.76
N ILE B 183 -20.25 9.18 15.69
CA ILE B 183 -19.22 8.26 15.30
C ILE B 183 -19.81 7.20 14.39
N ASP B 184 -21.06 6.76 14.65
CA ASP B 184 -21.66 5.82 13.73
C ASP B 184 -21.76 6.35 12.29
N ALA B 185 -22.10 7.64 12.16
CA ALA B 185 -22.18 8.27 10.80
C ALA B 185 -20.79 8.32 10.13
N LEU B 186 -19.76 8.58 10.91
CA LEU B 186 -18.38 8.60 10.43
C LEU B 186 -18.00 7.21 9.97
N SER B 187 -18.26 6.19 10.78
CA SER B 187 -17.89 4.81 10.39
C SER B 187 -18.64 4.31 9.14
N ALA B 188 -19.82 4.87 8.89
CA ALA B 188 -20.63 4.43 7.75
C ALA B 188 -20.19 5.02 6.41
N LEU B 189 -19.36 6.08 6.44
CA LEU B 189 -18.92 6.69 5.19
C LEU B 189 -18.27 5.65 4.27
N HIS B 190 -18.60 5.72 2.97
CA HIS B 190 -17.93 4.91 1.94
C HIS B 190 -17.70 5.89 0.80
N PRO B 191 -16.64 6.69 0.88
CA PRO B 191 -16.49 7.72 -0.12
C PRO B 191 -16.14 7.16 -1.50
N ASP B 192 -16.41 7.99 -2.48
CA ASP B 192 -16.09 7.69 -3.90
C ASP B 192 -14.66 8.15 -4.16
N HIS B 193 -13.72 7.21 -4.22
CA HIS B 193 -12.31 7.45 -4.34
C HIS B 193 -12.05 8.30 -5.66
N ARG B 194 -12.69 7.85 -6.72
CA ARG B 194 -12.51 8.54 -8.01
C ARG B 194 -13.02 10.02 -7.97
N ALA B 195 -14.15 10.24 -7.39
CA ALA B 195 -14.66 11.58 -7.26
C ALA B 195 -13.76 12.45 -6.34
N LEU B 196 -13.17 11.82 -5.32
CA LEU B 196 -12.24 12.58 -4.47
C LEU B 196 -10.96 12.96 -5.19
N SER B 197 -10.67 12.26 -6.29
N SER B 197 -10.66 12.24 -6.27
CA SER B 197 -9.42 12.53 -7.02
CA SER B 197 -9.42 12.51 -7.02
C SER B 197 -9.46 13.88 -7.73
C SER B 197 -9.46 13.87 -7.73
N ASN B 198 -10.62 14.52 -7.78
CA ASN B 198 -10.74 15.89 -8.30
C ASN B 198 -10.34 16.97 -7.29
N PHE B 199 -10.00 16.53 -6.08
CA PHE B 199 -9.58 17.42 -5.03
C PHE B 199 -8.05 17.27 -4.96
N HIS B 200 -7.37 18.11 -5.68
CA HIS B 200 -5.88 18.01 -5.82
C HIS B 200 -5.17 18.60 -4.65
N ASP B 201 -4.01 18.04 -4.30
CA ASP B 201 -3.16 18.56 -3.25
C ASP B 201 -3.96 18.84 -2.01
N MET B 202 -4.70 17.82 -1.55
CA MET B 202 -5.32 17.90 -0.22
C MET B 202 -5.76 16.53 0.22
N ALA B 203 -6.01 16.45 1.52
CA ALA B 203 -6.59 15.28 2.24
C ALA B 203 -7.92 15.70 2.81
N ILE B 204 -8.88 14.81 2.75
CA ILE B 204 -10.21 15.03 3.31
C ILE B 204 -10.31 14.29 4.64
N ASN B 205 -10.46 15.09 5.73
CA ASN B 205 -10.48 14.60 7.10
C ASN B 205 -11.91 14.75 7.63
N CYS B 206 -12.54 13.65 7.92
CA CYS B 206 -13.88 13.63 8.46
C CYS B 206 -13.83 13.28 9.90
N PHE B 207 -14.57 14.04 10.73
CA PHE B 207 -14.44 13.97 12.17
C PHE B 207 -15.72 13.91 12.90
N ALA B 208 -15.71 13.32 14.09
CA ALA B 208 -16.89 13.30 14.99
C ALA B 208 -16.42 13.08 16.41
N GLY B 209 -17.18 13.57 17.37
CA GLY B 209 -16.84 13.37 18.78
C GLY B 209 -17.34 14.47 19.66
N ALA B 210 -16.65 14.70 20.76
CA ALA B 210 -17.01 15.73 21.72
C ALA B 210 -15.94 15.96 22.71
N GLY B 211 -15.72 17.22 23.18
CA GLY B 211 -14.91 17.50 24.35
C GLY B 211 -13.48 17.17 24.02
N ARG B 212 -12.93 16.28 24.82
CA ARG B 212 -11.52 15.88 24.62
C ARG B 212 -11.35 14.74 23.72
N ARG B 213 -12.35 14.12 23.22
CA ARG B 213 -12.26 12.82 22.46
C ARG B 213 -12.90 12.96 21.10
N TRP B 214 -12.09 12.79 20.03
CA TRP B 214 -12.57 12.86 18.69
C TRP B 214 -12.06 11.69 17.88
N ARG B 215 -12.86 11.29 16.92
CA ARG B 215 -12.53 10.31 15.92
C ARG B 215 -12.34 10.99 14.57
N SER B 216 -11.44 10.47 13.76
CA SER B 216 -11.22 10.95 12.41
C SER B 216 -11.04 9.76 11.43
N ARG B 217 -11.43 10.05 10.20
CA ARG B 217 -11.04 9.25 9.03
C ARG B 217 -10.50 10.20 7.98
N MET B 218 -9.43 9.78 7.30
CA MET B 218 -8.84 10.58 6.25
C MET B 218 -8.80 9.82 4.93
N PHE B 219 -9.12 10.55 3.87
CA PHE B 219 -9.15 10.00 2.51
C PHE B 219 -8.38 10.95 1.59
N SER B 220 -7.47 10.43 0.76
CA SER B 220 -6.69 11.29 -0.12
C SER B 220 -6.09 10.57 -1.34
N PRO B 221 -6.86 10.51 -2.42
CA PRO B 221 -6.24 10.12 -3.68
C PRO B 221 -5.09 11.06 -4.09
N ALA B 222 -5.18 12.35 -3.80
CA ALA B 222 -4.10 13.29 -4.14
C ALA B 222 -2.78 12.84 -3.53
N TYR B 223 -2.84 12.31 -2.32
CA TYR B 223 -1.62 11.89 -1.59
C TYR B 223 -1.46 10.37 -1.65
N GLY B 224 -2.12 9.73 -2.63
CA GLY B 224 -1.85 8.32 -2.90
C GLY B 224 -2.40 7.32 -1.92
N VAL B 225 -3.46 7.68 -1.19
CA VAL B 225 -4.02 6.75 -0.19
C VAL B 225 -5.54 6.76 -0.23
N VAL B 226 -6.16 5.57 -0.25
CA VAL B 226 -7.58 5.44 -0.13
C VAL B 226 -8.02 5.97 1.23
N GLU B 227 -7.43 5.43 2.31
CA GLU B 227 -7.73 5.88 3.66
C GLU B 227 -6.44 5.73 4.48
N ASP B 228 -6.05 6.83 5.12
CA ASP B 228 -4.86 6.92 5.95
C ASP B 228 -5.17 6.64 7.41
N ALA B 229 -4.30 5.94 8.11
CA ALA B 229 -4.51 5.59 9.52
C ALA B 229 -4.28 6.69 10.50
N ALA B 230 -3.37 7.64 10.24
CA ALA B 230 -3.04 8.68 11.22
C ALA B 230 -2.37 9.84 10.51
N THR B 231 -3.16 10.91 10.33
CA THR B 231 -2.76 12.05 9.56
C THR B 231 -2.26 13.14 10.47
N GLY B 232 -0.99 13.07 10.87
CA GLY B 232 -0.53 13.92 11.95
C GLY B 232 -0.56 15.39 11.65
N SER B 233 -0.36 15.76 10.40
CA SER B 233 -0.48 17.13 10.01
C SER B 233 -1.93 17.70 9.94
N ALA B 234 -2.88 16.83 10.09
CA ALA B 234 -4.27 17.20 10.26
C ALA B 234 -4.66 17.38 11.74
N ALA B 235 -3.87 16.81 12.65
CA ALA B 235 -4.25 16.83 14.06
C ALA B 235 -4.20 18.23 14.63
N GLY B 236 -3.17 19.00 14.32
CA GLY B 236 -3.04 20.36 14.79
C GLY B 236 -4.11 21.26 14.25
N PRO B 237 -4.28 21.25 12.93
CA PRO B 237 -5.41 21.97 12.34
C PRO B 237 -6.78 21.56 12.93
N LEU B 238 -6.99 20.28 13.28
CA LEU B 238 -8.32 19.93 13.83
C LEU B 238 -8.51 20.56 15.20
N ALA B 239 -7.49 20.63 16.00
CA ALA B 239 -7.63 21.29 17.27
C ALA B 239 -7.97 22.78 17.12
N ILE B 240 -7.38 23.43 16.12
CA ILE B 240 -7.70 24.84 15.81
C ILE B 240 -9.15 24.93 15.38
N HIS B 241 -9.57 24.06 14.47
CA HIS B 241 -10.91 24.03 13.88
C HIS B 241 -11.95 23.90 14.97
N LEU B 242 -11.76 22.95 15.90
CA LEU B 242 -12.68 22.73 16.96
C LEU B 242 -12.78 23.90 17.90
N ALA B 243 -11.69 24.57 18.19
CA ALA B 243 -11.72 25.78 19.06
C ALA B 243 -12.39 26.96 18.39
N ARG B 244 -12.07 27.16 17.12
CA ARG B 244 -12.72 28.22 16.35
C ARG B 244 -14.26 28.06 16.29
N HIS B 245 -14.71 26.81 16.20
CA HIS B 245 -16.16 26.52 16.12
C HIS B 245 -16.75 26.19 17.43
N GLY B 246 -16.10 26.53 18.57
CA GLY B 246 -16.78 26.57 19.88
C GLY B 246 -16.93 25.22 20.52
N GLN B 247 -16.28 24.16 20.03
CA GLN B 247 -16.50 22.84 20.53
C GLN B 247 -15.58 22.55 21.70
N ILE B 248 -14.40 23.21 21.73
CA ILE B 248 -13.37 23.11 22.75
C ILE B 248 -12.82 24.51 22.97
N GLU B 249 -12.08 24.72 24.08
CA GLU B 249 -11.39 26.00 24.33
C GLU B 249 -10.04 25.96 23.64
N PHE B 250 -9.55 27.10 23.18
CA PHE B 250 -8.16 27.21 22.82
C PHE B 250 -7.30 26.77 23.90
N GLY B 251 -6.27 26.01 23.58
CA GLY B 251 -5.35 25.50 24.59
C GLY B 251 -5.74 24.14 25.18
N GLN B 252 -6.97 23.68 24.96
CA GLN B 252 -7.55 22.43 25.55
C GLN B 252 -6.86 21.27 24.76
N PRO B 253 -6.12 20.37 25.41
CA PRO B 253 -5.59 19.17 24.70
C PRO B 253 -6.74 18.26 24.27
N VAL B 254 -6.60 17.70 23.08
CA VAL B 254 -7.55 16.75 22.57
C VAL B 254 -6.82 15.45 22.18
N GLU B 255 -7.59 14.39 22.20
CA GLU B 255 -7.19 13.08 21.72
C GLU B 255 -8.00 12.79 20.47
N ILE B 256 -7.30 12.47 19.39
CA ILE B 256 -7.89 12.18 18.08
C ILE B 256 -7.56 10.77 17.73
N LEU B 257 -8.57 9.93 17.64
CA LEU B 257 -8.38 8.49 17.28
C LEU B 257 -8.73 8.30 15.84
N GLN B 258 -7.80 7.86 15.03
CA GLN B 258 -7.96 7.66 13.60
C GLN B 258 -7.68 6.24 13.24
N GLY B 259 -8.22 5.79 12.08
CA GLY B 259 -7.84 4.49 11.56
C GLY B 259 -8.53 3.28 12.12
N VAL B 260 -9.61 3.47 12.89
CA VAL B 260 -10.24 2.31 13.56
C VAL B 260 -10.88 1.37 12.54
N GLU B 261 -11.59 1.94 11.60
CA GLU B 261 -12.36 1.15 10.62
C GLU B 261 -11.45 0.35 9.69
N ILE B 262 -10.20 0.77 9.49
CA ILE B 262 -9.29 0.00 8.65
C ILE B 262 -8.39 -0.86 9.49
N GLY B 263 -8.63 -0.93 10.80
CA GLY B 263 -7.87 -1.85 11.62
C GLY B 263 -6.51 -1.36 12.05
N ARG B 264 -6.31 -0.05 12.01
CA ARG B 264 -5.07 0.60 12.35
C ARG B 264 -5.29 1.76 13.38
N PRO B 265 -5.85 1.46 14.54
CA PRO B 265 -6.18 2.51 15.50
C PRO B 265 -4.91 3.28 15.87
N SER B 266 -5.03 4.62 15.84
CA SER B 266 -3.91 5.53 15.99
C SER B 266 -4.33 6.68 16.85
N LEU B 267 -3.60 6.99 17.89
N LEU B 267 -3.64 6.96 17.95
CA LEU B 267 -4.02 8.01 18.81
CA LEU B 267 -4.00 8.05 18.86
C LEU B 267 -3.05 9.21 18.70
C LEU B 267 -3.03 9.22 18.68
N MET B 268 -3.61 10.36 18.27
CA MET B 268 -2.89 11.59 18.09
C MET B 268 -3.28 12.56 19.18
N PHE B 269 -2.34 13.22 19.81
CA PHE B 269 -2.61 14.18 20.86
C PHE B 269 -2.32 15.58 20.27
N ALA B 270 -3.20 16.54 20.44
CA ALA B 270 -2.97 17.86 19.84
C ALA B 270 -3.44 18.98 20.77
N LYS B 271 -2.77 20.09 20.71
CA LYS B 271 -3.19 21.33 21.44
C LYS B 271 -2.77 22.53 20.62
N ALA B 272 -3.65 23.52 20.54
CA ALA B 272 -3.38 24.74 19.77
C ALA B 272 -3.55 25.91 20.70
N GLU B 273 -2.47 26.66 20.92
CA GLU B 273 -2.43 27.71 21.92
C GLU B 273 -2.47 29.03 21.25
N GLY B 274 -3.17 29.96 21.89
CA GLY B 274 -3.38 31.35 21.44
C GLY B 274 -4.84 31.61 21.22
N ARG B 275 -5.11 32.34 20.17
N ARG B 275 -5.08 32.37 20.16
CA ARG B 275 -6.46 32.57 19.72
CA ARG B 275 -6.39 32.74 19.67
C ARG B 275 -6.37 32.66 18.16
C ARG B 275 -6.35 32.62 18.16
N ALA B 276 -7.50 32.65 17.51
CA ALA B 276 -7.54 32.46 16.06
C ALA B 276 -6.68 33.47 15.27
N GLU B 277 -6.64 34.73 15.78
CA GLU B 277 -5.90 35.79 15.15
C GLU B 277 -4.41 35.68 15.39
N GLN B 278 -3.99 34.85 16.32
CA GLN B 278 -2.59 34.71 16.63
C GLN B 278 -2.37 33.39 17.39
N LEU B 279 -2.05 32.31 16.65
CA LEU B 279 -1.73 31.09 17.35
C LEU B 279 -0.30 31.17 17.60
N THR B 280 0.11 30.74 18.78
CA THR B 280 1.51 30.78 19.18
C THR B 280 2.14 29.40 19.16
N ARG B 281 1.36 28.34 19.27
CA ARG B 281 1.95 26.99 19.23
C ARG B 281 0.91 26.01 18.80
N VAL B 282 1.27 25.08 17.89
CA VAL B 282 0.39 24.01 17.47
C VAL B 282 1.12 22.73 17.75
N GLU B 283 0.84 22.10 18.88
CA GLU B 283 1.60 20.95 19.33
C GLU B 283 0.90 19.66 18.97
N VAL B 284 1.62 18.69 18.41
CA VAL B 284 1.04 17.32 18.15
C VAL B 284 2.04 16.33 18.66
N SER B 285 1.58 15.33 19.42
CA SER B 285 2.44 14.34 20.02
C SER B 285 1.81 12.99 19.85
N GLY B 286 2.65 11.98 20.05
CA GLY B 286 2.20 10.61 20.07
C GLY B 286 3.31 9.66 20.45
N ASN B 287 2.90 8.43 20.78
CA ASN B 287 3.79 7.35 20.95
C ASN B 287 4.23 6.80 19.58
N GLY B 288 5.36 6.08 19.60
CA GLY B 288 5.70 5.30 18.39
C GLY B 288 6.58 4.15 18.77
N VAL B 289 6.61 3.14 17.90
N VAL B 289 6.56 3.12 17.94
CA VAL B 289 7.32 1.91 18.21
CA VAL B 289 7.32 1.91 18.21
C VAL B 289 7.94 1.36 16.93
C VAL B 289 7.93 1.37 16.93
N THR B 290 9.06 0.68 17.05
CA THR B 290 9.68 0.03 15.92
C THR B 290 8.96 -1.26 15.58
N PHE B 291 8.51 -1.41 14.33
CA PHE B 291 7.94 -2.66 13.81
C PHE B 291 9.05 -3.56 13.20
N GLY B 292 9.99 -2.96 12.48
CA GLY B 292 11.04 -3.72 11.84
C GLY B 292 12.12 -2.85 11.30
N ARG B 293 13.13 -3.51 10.72
CA ARG B 293 14.25 -2.78 10.18
C ARG B 293 14.95 -3.65 9.16
N GLY B 294 15.67 -3.04 8.23
CA GLY B 294 16.39 -3.81 7.22
C GLY B 294 17.25 -2.93 6.37
N THR B 295 17.65 -3.48 5.25
CA THR B 295 18.54 -2.79 4.31
C THR B 295 18.06 -3.07 2.88
N ILE B 296 18.23 -2.09 2.00
CA ILE B 296 17.84 -2.23 0.60
C ILE B 296 19.04 -2.16 -0.29
N VAL B 297 18.87 -2.69 -1.52
CA VAL B 297 19.96 -2.93 -2.46
C VAL B 297 20.36 -1.71 -3.32
N LEU B 298 19.73 -0.60 -3.13
CA LEU B 298 20.10 0.64 -3.82
C LEU B 298 20.18 1.80 -2.86
#